data_2LBR
#
_entry.id   2LBR
#
_entity_poly.entity_id   1
_entity_poly.type   'polyribonucleotide'
_entity_poly.pdbx_seq_one_letter_code
;GGGGACUGUA(6IA)A(PSU)CCCC
;
_entity_poly.pdbx_strand_id   A
#
loop_
_chem_comp.id
_chem_comp.type
_chem_comp.name
_chem_comp.formula
6IA RNA linking N6-ISOPENTENYL-ADENOSINE-5'-MONOPHOSPHATE 'C15 H24 N5 O7 P'
A RNA linking ADENOSINE-5'-MONOPHOSPHATE 'C10 H14 N5 O7 P'
C RNA linking CYTIDINE-5'-MONOPHOSPHATE 'C9 H14 N3 O8 P'
G RNA linking GUANOSINE-5'-MONOPHOSPHATE 'C10 H14 N5 O8 P'
PSU RNA linking PSEUDOURIDINE-5'-MONOPHOSPHATE 'C9 H13 N2 O9 P'
U RNA linking URIDINE-5'-MONOPHOSPHATE 'C9 H13 N2 O9 P'
#
# COMPACT_ATOMS: atom_id res chain seq x y z
P 6IA A 11 1.78 7.12 -2.63
OP1 6IA A 11 0.90 8.04 -3.36
OP2 6IA A 11 1.97 7.27 -1.17
O5' 6IA A 11 1.28 5.61 -2.92
C5' 6IA A 11 0.67 5.26 -4.17
C4' 6IA A 11 1.02 3.83 -4.58
O4' 6IA A 11 2.34 3.52 -4.10
C3' 6IA A 11 0.10 2.77 -4.00
O3' 6IA A 11 -0.92 2.46 -4.96
C2' 6IA A 11 1.01 1.57 -3.84
O2' 6IA A 11 1.11 0.82 -5.06
C1' 6IA A 11 2.34 2.23 -3.49
N9 6IA A 11 2.52 2.45 -2.04
C8 6IA A 11 2.39 3.61 -1.32
N7 6IA A 11 2.57 3.46 -0.04
C5 6IA A 11 2.86 2.11 0.10
C6 6IA A 11 3.15 1.31 1.23
N6 6IA A 11 3.16 1.77 2.50
N1 6IA A 11 3.39 0.01 1.02
C2 6IA A 11 3.33 -0.46 -0.22
N3 6IA A 11 3.06 0.18 -1.36
C4 6IA A 11 2.83 1.48 -1.11
C12 6IA A 11 2.85 3.09 2.78
C13 6IA A 11 2.84 3.28 4.22
C14 6IA A 11 4.00 3.37 4.89
C15 6IA A 11 4.35 4.69 5.57
C16 6IA A 11 5.05 2.29 4.70
H5' 6IA A 11 1.01 5.96 -4.94
H5'' 6IA A 11 -0.41 5.35 -4.07
H4' 6IA A 11 1.02 3.76 -5.66
H3' 6IA A 11 -0.33 3.08 -3.05
H2' 6IA A 11 0.67 0.94 -3.03
HO2' 6IA A 11 1.93 1.07 -5.49
H1' 6IA A 11 3.16 1.64 -3.88
H8 6IA A 11 2.16 4.57 -1.78
HN6 6IA A 11 3.38 1.13 3.24
H2 6IA A 11 3.55 -1.52 -0.33
H121 6IA A 11 1.86 3.32 2.38
H122 6IA A 11 3.59 3.75 2.33
H132 6IA A 11 1.91 3.14 4.76
H151 6IA A 11 5.11 4.50 6.34
H152 6IA A 11 4.75 5.39 4.83
H153 6IA A 11 3.47 5.11 6.03
H161 6IA A 11 4.67 1.33 5.06
H162 6IA A 11 5.30 2.21 3.64
H163 6IA A 11 5.94 2.55 5.27
N1 PSU A 13 -3.27 -1.33 1.58
C2 PSU A 13 -3.01 -0.87 2.81
N3 PSU A 13 -2.60 -1.81 3.70
C4 PSU A 13 -2.41 -3.18 3.46
C5 PSU A 13 -2.71 -3.59 2.11
C6 PSU A 13 -3.12 -2.67 1.22
O2 PSU A 13 -3.15 0.33 3.11
O4 PSU A 13 -2.04 -3.89 4.38
C1' PSU A 13 -2.53 -5.06 1.77
C2' PSU A 13 -3.51 -6.00 2.47
O2' PSU A 13 -2.88 -7.24 2.83
C3' PSU A 13 -4.59 -6.21 1.44
C4' PSU A 13 -3.81 -6.15 0.14
O3' PSU A 13 -5.17 -7.50 1.58
O4' PSU A 13 -2.73 -5.23 0.35
C5' PSU A 13 -4.62 -5.69 -1.09
O5' PSU A 13 -4.44 -4.28 -1.32
P PSU A 13 -4.24 -3.71 -2.81
OP1 PSU A 13 -4.56 -4.80 -3.77
OP2 PSU A 13 -4.94 -2.41 -2.90
HN1 PSU A 13 -3.58 -0.67 0.87
HN3 PSU A 13 -2.40 -1.49 4.64
H6 PSU A 13 -3.32 -2.94 0.27
H1' PSU A 13 -1.52 -5.35 2.01
H2' PSU A 13 -3.92 -5.52 3.36
HO2' PSU A 13 -3.02 -7.38 3.76
H3' PSU A 13 -5.34 -5.41 1.48
H4' PSU A 13 -3.39 -7.13 -0.06
H5' PSU A 13 -4.29 -6.25 -1.96
H5'' PSU A 13 -5.68 -5.88 -0.91
P 6IA A 11 2.06 6.80 -3.02
OP1 6IA A 11 1.20 7.71 -3.81
OP2 6IA A 11 2.18 6.99 -1.55
O5' 6IA A 11 1.58 5.29 -3.29
C5' 6IA A 11 0.93 4.93 -4.52
C4' 6IA A 11 1.22 3.48 -4.90
O4' 6IA A 11 2.54 3.15 -4.45
C3' 6IA A 11 0.27 2.47 -4.28
O3' 6IA A 11 -0.78 2.18 -5.20
C2' 6IA A 11 1.15 1.24 -4.11
O2' 6IA A 11 1.15 0.43 -5.29
C1' 6IA A 11 2.52 1.85 -3.83
N9 6IA A 11 2.80 2.06 -2.41
C8 6IA A 11 2.69 3.21 -1.68
N7 6IA A 11 2.97 3.07 -0.41
C5 6IA A 11 3.31 1.73 -0.30
C6 6IA A 11 3.71 0.95 0.80
N6 6IA A 11 3.79 1.41 2.06
N1 6IA A 11 3.97 -0.34 0.57
C2 6IA A 11 3.84 -0.82 -0.65
N3 6IA A 11 3.46 -0.20 -1.77
C4 6IA A 11 3.21 1.10 -1.51
C12 6IA A 11 3.46 2.73 2.36
C13 6IA A 11 3.39 2.90 3.78
C14 6IA A 11 4.48 2.70 4.54
C15 6IA A 11 5.55 3.80 4.60
C16 6IA A 11 4.60 1.44 5.38
H5' 6IA A 11 1.28 5.58 -5.30
H5'' 6IA A 11 -0.15 5.07 -4.40
H4' 6IA A 11 1.19 3.37 -5.97
H3' 6IA A 11 -0.11 2.81 -3.32
H2' 6IA A 11 0.83 0.66 -3.25
HO2' 6IA A 11 0.98 -0.47 -5.03
H1' 6IA A 11 3.30 1.22 -4.27
H8 6IA A 11 2.40 4.17 -2.12
HN6 6IA A 11 4.09 0.79 2.80
H2 6IA A 11 4.07 -1.89 -0.77
H121 6IA A 11 2.50 2.98 1.92
H122 6IA A 11 4.23 3.39 1.96
H132 6IA A 11 2.43 3.01 4.26
H151 6IA A 11 5.08 4.75 4.81
H152 6IA A 11 6.27 3.56 5.38
H153 6IA A 11 6.06 3.85 3.65
H161 6IA A 11 5.12 0.66 4.83
H162 6IA A 11 5.16 1.66 6.29
H163 6IA A 11 3.61 1.08 5.65
N1 PSU A 13 -3.06 -1.55 1.41
C2 PSU A 13 -2.73 -1.08 2.63
N3 PSU A 13 -2.27 -2.01 3.52
C4 PSU A 13 -2.12 -3.38 3.28
C5 PSU A 13 -2.48 -3.81 1.96
C6 PSU A 13 -2.93 -2.89 1.08
O2 PSU A 13 -2.84 0.12 2.92
O4 PSU A 13 -1.69 -4.09 4.18
C1' PSU A 13 -2.33 -5.29 1.63
C2' PSU A 13 -3.31 -6.20 2.37
O2' PSU A 13 -2.69 -7.45 2.73
C3' PSU A 13 -4.41 -6.41 1.35
C4' PSU A 13 -3.64 -6.39 0.04
O3' PSU A 13 -4.99 -7.72 1.52
O4' PSU A 13 -2.56 -5.47 0.22
C5' PSU A 13 -4.47 -5.93 -1.18
O5' PSU A 13 -4.19 -4.56 -1.48
P PSU A 13 -3.99 -4.06 -3.00
OP1 PSU A 13 -4.23 -5.21 -3.90
OP2 PSU A 13 -4.75 -2.81 -3.18
HN1 PSU A 13 -3.40 -0.90 0.72
HN3 PSU A 13 -2.02 -1.69 4.44
H6 PSU A 13 -3.18 -3.18 0.13
H1' PSU A 13 -1.33 -5.59 1.87
H2' PSU A 13 -3.72 -5.70 3.26
HO2' PSU A 13 -2.62 -7.46 3.69
H3' PSU A 13 -5.16 -5.63 1.39
H4' PSU A 13 -3.24 -7.37 -0.16
H5' PSU A 13 -4.21 -6.55 -2.04
H5'' PSU A 13 -5.53 -6.04 -0.97
P 6IA A 11 1.32 6.04 -2.19
OP1 6IA A 11 0.47 7.04 -2.87
OP2 6IA A 11 1.39 6.02 -0.72
O5' 6IA A 11 0.90 4.57 -2.70
C5' 6IA A 11 0.79 4.29 -4.10
C4' 6IA A 11 1.35 2.91 -4.43
O4' 6IA A 11 2.58 2.72 -3.71
C3' 6IA A 11 0.44 1.76 -4.04
O3' 6IA A 11 -0.40 1.43 -5.15
C2' 6IA A 11 1.41 0.64 -3.76
O2' 6IA A 11 1.73 -0.08 -4.96
C1' 6IA A 11 2.64 1.37 -3.22
N9 6IA A 11 2.72 1.43 -1.75
C8 6IA A 11 2.27 2.42 -0.91
N7 6IA A 11 2.48 2.18 0.36
C5 6IA A 11 3.12 0.94 0.36
C6 6IA A 11 3.62 0.12 1.39
N6 6IA A 11 3.53 0.42 2.71
N1 6IA A 11 4.20 -1.03 1.03
C2 6IA A 11 4.27 -1.35 -0.25
N3 6IA A 11 3.85 -0.68 -1.31
C4 6IA A 11 3.28 0.48 -0.92
C12 6IA A 11 2.93 1.60 3.15
C13 6IA A 11 3.77 2.72 2.83
C14 6IA A 11 4.68 3.19 3.70
C15 6IA A 11 4.48 4.57 4.31
C16 6IA A 11 5.95 2.39 3.94
H5' 6IA A 11 1.34 5.03 -4.66
H5'' 6IA A 11 -0.26 4.32 -4.39
H4' 6IA A 11 1.55 2.85 -5.49
H3' 6IA A 11 -0.15 2.00 -3.15
H2' 6IA A 11 1.02 -0.04 -3.01
HO2' 6IA A 11 0.96 -0.64 -5.16
H1' 6IA A 11 3.54 0.88 -3.60
H8 6IA A 11 1.81 3.34 -1.27
HN6 6IA A 11 3.91 -0.22 3.39
H2 6IA A 11 4.77 -2.29 -0.46
H121 6IA A 11 2.78 1.54 4.23
H122 6IA A 11 1.97 1.72 2.66
H132 6IA A 11 3.81 3.05 1.80
H151 6IA A 11 4.84 5.33 3.62
H152 6IA A 11 3.43 4.73 4.53
H153 6IA A 11 5.05 4.64 5.25
H161 6IA A 11 5.71 1.42 4.38
H162 6IA A 11 6.47 2.25 2.99
H163 6IA A 11 6.60 2.94 4.62
N1 PSU A 13 -3.53 -1.56 1.21
C2 PSU A 13 -3.15 -1.08 2.41
N3 PSU A 13 -2.59 -2.00 3.26
C4 PSU A 13 -2.39 -3.36 2.99
C5 PSU A 13 -2.82 -3.79 1.68
C6 PSU A 13 -3.37 -2.89 0.85
O2 PSU A 13 -3.28 0.11 2.72
O4 PSU A 13 -1.87 -4.06 3.86
C1' PSU A 13 -2.63 -5.26 1.33
C2' PSU A 13 -3.52 -6.21 2.12
O2' PSU A 13 -2.86 -7.46 2.37
C3' PSU A 13 -4.70 -6.38 1.19
C4' PSU A 13 -4.02 -6.38 -0.16
O3' PSU A 13 -5.33 -7.66 1.40
O4' PSU A 13 -2.93 -5.46 -0.05
C5' PSU A 13 -4.92 -5.99 -1.34
O5' PSU A 13 -4.89 -4.59 -1.54
P PSU A 13 -4.78 -3.98 -3.02
OP1 PSU A 13 -5.39 -4.93 -3.98
OP2 PSU A 13 -5.24 -2.57 -2.99
HN1 PSU A 13 -3.95 -0.92 0.55
HN3 PSU A 13 -2.30 -1.67 4.16
H6 PSU A 13 -3.66 -3.19 -0.08
H1' PSU A 13 -1.58 -5.53 1.51
H2' PSU A 13 -3.84 -5.75 3.06
HO2' PSU A 13 -2.11 -7.50 1.79
H3' PSU A 13 -5.40 -5.56 1.27
H4' PSU A 13 -3.60 -7.37 -0.35
H5' PSU A 13 -4.56 -6.50 -2.23
H5'' PSU A 13 -5.94 -6.32 -1.14
P 6IA A 11 1.12 6.94 -2.15
OP1 6IA A 11 0.35 7.93 -2.96
OP2 6IA A 11 1.09 7.03 -0.68
O5' 6IA A 11 0.64 5.46 -2.58
C5' 6IA A 11 0.10 5.21 -3.88
C4' 6IA A 11 0.50 3.84 -4.40
O4' 6IA A 11 1.85 3.54 -3.98
C3' 6IA A 11 -0.37 2.70 -3.88
O3' 6IA A 11 -1.45 2.46 -4.78
C2' 6IA A 11 0.59 1.53 -3.88
O2' 6IA A 11 0.67 0.92 -5.19
C1' 6IA A 11 1.90 2.19 -3.50
N9 6IA A 11 2.09 2.27 -2.04
C8 6IA A 11 1.75 3.29 -1.19
N7 6IA A 11 2.02 3.05 0.06
C5 6IA A 11 2.59 1.79 0.04
C6 6IA A 11 3.09 0.96 1.06
N6 6IA A 11 3.11 1.31 2.37
N1 6IA A 11 3.58 -0.24 0.70
C2 6IA A 11 3.57 -0.58 -0.58
N3 6IA A 11 3.12 0.10 -1.62
C4 6IA A 11 2.64 1.30 -1.24
C12 6IA A 11 2.60 2.54 2.78
C13 6IA A 11 2.73 2.66 4.22
C14 6IA A 11 3.92 2.92 4.76
C15 6IA A 11 4.19 4.31 5.33
C16 6IA A 11 5.08 1.96 4.51
H5' 6IA A 11 0.47 5.97 -4.58
H5'' 6IA A 11 -0.99 5.27 -3.83
H4' 6IA A 11 0.47 3.83 -5.48
H3' 6IA A 11 -0.72 2.91 -2.87
H2' 6IA A 11 0.30 0.79 -3.13
HO2' 6IA A 11 1.33 1.42 -5.69
H1' 6IA A 11 2.74 1.66 -3.95
H8 6IA A 11 1.30 4.22 -1.53
HN6 6IA A 11 3.48 0.66 3.05
H2 6IA A 11 3.99 -1.57 -0.80
H121 6IA A 11 1.55 2.61 2.51
H122 6IA A 11 3.16 3.34 2.30
H132 6IA A 11 1.91 2.32 4.85
H151 6IA A 11 4.98 4.25 6.09
H152 6IA A 11 4.52 4.97 4.54
H153 6IA A 11 3.28 4.71 5.79
H161 6IA A 11 4.75 0.94 4.73
H162 6IA A 11 5.38 2.02 3.47
H163 6IA A 11 5.92 2.21 5.15
N1 PSU A 13 -3.12 -1.79 1.46
C2 PSU A 13 -2.71 -1.44 2.69
N3 PSU A 13 -2.28 -2.47 3.48
C4 PSU A 13 -2.22 -3.81 3.13
C5 PSU A 13 -2.67 -4.11 1.80
C6 PSU A 13 -3.10 -3.11 1.01
O2 PSU A 13 -2.73 -0.25 3.07
O4 PSU A 13 -1.80 -4.61 3.96
C1' PSU A 13 -2.64 -5.57 1.34
C2' PSU A 13 -3.67 -6.46 2.06
O2' PSU A 13 -3.15 -7.78 2.23
C3' PSU A 13 -4.83 -6.46 1.08
C4' PSU A 13 -4.12 -6.42 -0.26
O3' PSU A 13 -5.58 -7.67 1.19
O4' PSU A 13 -2.94 -5.62 -0.06
C5' PSU A 13 -4.95 -5.83 -1.40
O5' PSU A 13 -4.74 -4.43 -1.53
P PSU A 13 -4.61 -3.74 -2.98
OP1 PSU A 13 -5.05 -4.72 -4.00
OP2 PSU A 13 -5.22 -2.40 -2.93
HN1 PSU A 13 -3.45 -1.07 0.83
HN3 PSU A 13 -1.96 -2.22 4.41
H6 PSU A 13 -3.40 -3.31 0.07
H1' PSU A 13 -1.64 -5.97 1.51
H2' PSU A 13 -3.96 -6.02 3.01
HO2' PSU A 13 -2.49 -7.74 2.93
H3' PSU A 13 -5.45 -5.57 1.23
H4' PSU A 13 -3.81 -7.42 -0.52
H5' PSU A 13 -4.68 -6.33 -2.34
H5'' PSU A 13 -6.01 -6.02 -1.21
P 6IA A 11 0.96 6.61 -3.02
OP1 6IA A 11 0.23 7.72 -3.69
OP2 6IA A 11 1.04 6.58 -1.53
O5' 6IA A 11 0.34 5.22 -3.52
C5' 6IA A 11 -0.22 5.09 -4.84
C4' 6IA A 11 0.03 3.71 -5.42
O4' 6IA A 11 1.35 3.27 -5.05
C3' 6IA A 11 -0.93 2.63 -4.92
O3' 6IA A 11 -2.03 2.52 -5.82
C2' 6IA A 11 -0.09 1.38 -4.98
O2' 6IA A 11 -0.10 0.80 -6.28
C1' 6IA A 11 1.30 1.91 -4.61
N9 6IA A 11 1.56 1.91 -3.16
C8 6IA A 11 1.35 2.93 -2.27
N7 6IA A 11 1.70 2.63 -1.04
C5 6IA A 11 2.17 1.32 -1.14
C6 6IA A 11 2.69 0.43 -0.18
N6 6IA A 11 2.83 0.72 1.13
N1 6IA A 11 3.05 -0.78 -0.61
C2 6IA A 11 2.92 -1.08 -1.90
N3 6IA A 11 2.46 -0.34 -2.89
C4 6IA A 11 2.09 0.88 -2.43
C12 6IA A 11 2.46 1.96 1.62
C13 6IA A 11 2.67 2.00 3.05
C14 6IA A 11 3.90 2.15 3.56
C15 6IA A 11 4.31 3.50 4.15
C16 6IA A 11 4.97 1.12 3.19
H5' 6IA A 11 0.23 5.84 -5.49
H5'' 6IA A 11 -1.30 5.26 -4.77
H4' 6IA A 11 -0.03 3.75 -6.49
H3' 6IA A 11 -1.26 2.84 -3.90
H2' 6IA A 11 -0.42 0.67 -4.23
HO2' 6IA A 11 -0.47 -0.08 -6.20
H1' 6IA A 11 2.06 1.33 -5.12
H8 6IA A 11 0.96 3.91 -2.54
HN6 6IA A 11 3.21 0.02 1.75
H2 6IA A 11 3.25 -2.08 -2.18
H121 6IA A 11 1.42 2.15 1.41
H122 6IA A 11 3.07 2.74 1.15
H132 6IA A 11 1.86 1.70 3.71
H151 6IA A 11 5.11 3.36 4.88
H152 6IA A 11 4.66 4.15 3.35
H153 6IA A 11 3.45 3.96 4.65
H161 6IA A 11 4.58 0.12 3.36
H162 6IA A 11 5.23 1.24 2.13
H163 6IA A 11 5.86 1.29 3.80
N1 PSU A 13 -3.83 -1.68 0.54
C2 PSU A 13 -3.31 -1.40 1.75
N3 PSU A 13 -2.91 -2.49 2.49
C4 PSU A 13 -3.01 -3.82 2.11
C5 PSU A 13 -3.58 -4.04 0.80
C6 PSU A 13 -3.96 -2.98 0.06
O2 PSU A 13 -3.18 -0.24 2.16
O4 PSU A 13 -2.62 -4.69 2.88
C1' PSU A 13 -3.73 -5.48 0.32
C2' PSU A 13 -4.76 -6.30 1.09
O2' PSU A 13 -4.33 -7.67 1.23
C3' PSU A 13 -5.99 -6.20 0.22
C4' PSU A 13 -5.39 -6.15 -1.18
O3' PSU A 13 -6.81 -7.36 0.36
O4' PSU A 13 -4.15 -5.47 -1.06
C5' PSU A 13 -6.27 -5.46 -2.23
O5' PSU A 13 -5.93 -4.08 -2.35
P PSU A 13 -5.84 -3.38 -3.80
OP1 PSU A 13 -6.46 -4.28 -4.79
OP2 PSU A 13 -6.32 -1.98 -3.66
HN1 PSU A 13 -4.13 -0.92 -0.04
HN3 PSU A 13 -2.51 -2.31 3.40
H6 PSU A 13 -4.35 -3.12 -0.85
H1' PSU A 13 -2.76 -5.97 0.38
H2' PSU A 13 -4.95 -5.85 2.07
HO2' PSU A 13 -3.46 -7.73 0.85
H3' PSU A 13 -6.55 -5.28 0.44
H4' PSU A 13 -5.20 -7.17 -1.50
H5' PSU A 13 -6.14 -5.96 -3.19
H5'' PSU A 13 -7.32 -5.55 -1.93
P 6IA A 11 1.09 7.63 -2.68
OP1 6IA A 11 0.37 8.60 -3.53
OP2 6IA A 11 1.12 7.81 -1.22
O5' 6IA A 11 0.51 6.15 -3.00
C5' 6IA A 11 -0.05 5.84 -4.28
C4' 6IA A 11 0.34 4.43 -4.73
O4' 6IA A 11 1.69 4.16 -4.31
C3' 6IA A 11 -0.53 3.34 -4.15
O3' 6IA A 11 -1.61 3.05 -5.04
C2' 6IA A 11 0.42 2.15 -4.10
O2' 6IA A 11 0.50 1.48 -5.35
C1' 6IA A 11 1.74 2.84 -3.75
N9 6IA A 11 1.96 3.01 -2.30
C8 6IA A 11 1.62 4.07 -1.51
N7 6IA A 11 1.92 3.92 -0.25
C5 6IA A 11 2.50 2.66 -0.21
C6 6IA A 11 3.04 1.90 0.85
N6 6IA A 11 3.06 2.30 2.14
N1 6IA A 11 3.53 0.69 0.55
C2 6IA A 11 3.50 0.27 -0.70
N3 6IA A 11 3.03 0.89 -1.78
C4 6IA A 11 2.54 2.09 -1.45
C12 6IA A 11 2.53 3.53 2.51
C13 6IA A 11 2.59 3.68 3.95
C14 6IA A 11 3.69 4.19 4.54
C15 6IA A 11 3.64 5.61 5.09
C16 6IA A 11 5.03 3.50 4.31
H5' 6IA A 11 0.31 6.57 -5.02
H5'' 6IA A 11 -1.14 5.91 -4.21
H4' 6IA A 11 0.30 4.38 -5.81
H3' 6IA A 11 -0.89 3.59 -3.15
H2' 6IA A 11 0.13 1.47 -3.30
HO2' 6IA A 11 1.41 1.28 -5.51
H1' 6IA A 11 2.57 2.29 -4.18
H8 6IA A 11 1.17 4.99 -1.90
HN6 6IA A 11 3.46 1.71 2.84
H2 6IA A 11 3.93 -0.71 -0.88
H121 6IA A 11 1.48 3.58 2.19
H122 6IA A 11 3.09 4.33 2.03
H132 6IA A 11 1.83 3.20 4.56
H151 6IA A 11 4.46 5.76 5.78
H152 6IA A 11 3.74 6.32 4.26
H153 6IA A 11 2.69 5.78 5.59
H161 6IA A 11 4.88 2.41 4.36
H162 6IA A 11 5.43 3.77 3.34
H163 6IA A 11 5.73 3.80 5.09
N1 PSU A 13 -3.65 -0.93 1.35
C2 PSU A 13 -3.24 -0.57 2.58
N3 PSU A 13 -2.74 -1.58 3.35
C4 PSU A 13 -2.63 -2.93 2.99
C5 PSU A 13 -3.09 -3.23 1.67
C6 PSU A 13 -3.58 -2.24 0.90
O2 PSU A 13 -3.30 0.60 2.98
O4 PSU A 13 -2.17 -3.71 3.80
C1' PSU A 13 -3.01 -4.68 1.20
C2' PSU A 13 -3.96 -5.63 1.94
O2' PSU A 13 -3.38 -6.93 2.09
C3' PSU A 13 -5.16 -5.67 1.01
C4' PSU A 13 -4.50 -5.59 -0.36
O3' PSU A 13 -5.85 -6.91 1.14
O4' PSU A 13 -3.35 -4.75 -0.20
C5' PSU A 13 -5.40 -5.03 -1.47
O5' PSU A 13 -5.31 -3.60 -1.54
P PSU A 13 -5.21 -2.86 -2.96
OP1 PSU A 13 -5.77 -3.75 -3.99
OP2 PSU A 13 -5.75 -1.48 -2.79
HN1 PSU A 13 -4.03 -0.23 0.74
HN3 PSU A 13 -2.42 -1.33 4.28
H6 PSU A 13 -3.88 -2.45 -0.05
H1' PSU A 13 -1.99 -5.03 1.33
H2' PSU A 13 -4.24 -5.21 2.91
HO2' PSU A 13 -2.52 -6.91 1.67
H3' PSU A 13 -5.81 -4.82 1.18
H4' PSU A 13 -4.16 -6.58 -0.65
H5' PSU A 13 -5.10 -5.46 -2.42
H5'' PSU A 13 -6.43 -5.31 -1.26
P 6IA A 11 2.24 6.80 -3.22
OP1 6IA A 11 1.57 7.63 -4.25
OP2 6IA A 11 2.11 7.14 -1.79
O5' 6IA A 11 1.78 5.27 -3.42
C5' 6IA A 11 1.18 4.85 -4.65
C4' 6IA A 11 1.52 3.38 -4.94
O4' 6IA A 11 2.80 3.08 -4.36
C3' 6IA A 11 0.53 2.38 -4.35
O3' 6IA A 11 -0.43 2.01 -5.35
C2' 6IA A 11 1.41 1.19 -4.04
O2' 6IA A 11 1.57 0.33 -5.17
C1' 6IA A 11 2.72 1.86 -3.63
N9 6IA A 11 2.82 2.21 -2.20
C8 6IA A 11 2.52 3.42 -1.61
N7 6IA A 11 2.66 3.42 -0.31
C5 6IA A 11 3.08 2.12 -0.03
C6 6IA A 11 3.40 1.48 1.19
N6 6IA A 11 3.28 2.06 2.40
N1 6IA A 11 3.78 0.20 1.11
C2 6IA A 11 3.84 -0.39 -0.06
N3 6IA A 11 3.57 0.10 -1.27
C4 6IA A 11 3.19 1.39 -1.17
C12 6IA A 11 2.79 3.35 2.53
C13 6IA A 11 2.52 3.64 3.92
C14 6IA A 11 3.42 4.28 4.68
C15 6IA A 11 3.12 5.71 5.13
C16 6IA A 11 4.80 3.67 4.88
H5' 6IA A 11 1.55 5.47 -5.45
H5'' 6IA A 11 0.10 4.96 -4.58
H4' 6IA A 11 1.57 3.22 -6.01
H3' 6IA A 11 0.05 2.78 -3.45
H2' 6IA A 11 1.00 0.64 -3.19
HO2' 6IA A 11 1.33 -0.55 -4.90
H1' 6IA A 11 3.55 1.22 -3.91
H8 6IA A 11 2.25 4.32 -2.18
HN6 6IA A 11 3.53 1.54 3.22
H2 6IA A 11 4.18 -1.42 -0.04
H121 6IA A 11 1.87 3.45 1.95
H122 6IA A 11 3.53 4.06 2.13
H132 6IA A 11 1.65 3.20 4.39
H151 6IA A 11 2.95 6.33 4.27
H152 6IA A 11 2.24 5.71 5.77
H153 6IA A 11 3.97 6.10 5.69
H161 6IA A 11 4.77 2.58 4.72
H162 6IA A 11 5.50 4.12 4.16
H163 6IA A 11 5.15 3.88 5.89
N1 PSU A 13 -3.10 -1.29 1.29
C2 PSU A 13 -2.71 -0.77 2.47
N3 PSU A 13 -2.24 -1.66 3.39
C4 PSU A 13 -2.14 -3.05 3.22
C5 PSU A 13 -2.57 -3.53 1.93
C6 PSU A 13 -3.03 -2.65 1.02
O2 PSU A 13 -2.77 0.45 2.69
O4 PSU A 13 -1.70 -3.71 4.14
C1' PSU A 13 -2.47 -5.03 1.68
C2' PSU A 13 -3.49 -5.88 2.46
O2' PSU A 13 -2.91 -7.12 2.88
C3' PSU A 13 -4.59 -6.10 1.43
C4' PSU A 13 -3.81 -6.16 0.13
O3' PSU A 13 -5.22 -7.37 1.67
O4' PSU A 13 -2.69 -5.27 0.28
C5' PSU A 13 -4.61 -5.75 -1.12
O5' PSU A 13 -4.28 -4.42 -1.50
P PSU A 13 -4.03 -4.01 -3.04
OP1 PSU A 13 -4.29 -5.20 -3.88
OP2 PSU A 13 -4.75 -2.75 -3.32
HN1 PSU A 13 -3.46 -0.67 0.57
HN3 PSU A 13 -1.95 -1.29 4.27
H6 PSU A 13 -3.30 -2.99 0.11
H1' PSU A 13 -1.48 -5.37 1.94
H2' PSU A 13 -3.88 -5.32 3.31
HO2' PSU A 13 -3.24 -7.30 3.76
H3' PSU A 13 -5.30 -5.28 1.43
H4' PSU A 13 -3.43 -7.17 0.00
H5' PSU A 13 -4.36 -6.42 -1.94
H5'' PSU A 13 -5.67 -5.82 -0.92
P 6IA A 11 1.93 7.10 -2.86
OP1 6IA A 11 1.03 8.01 -3.61
OP2 6IA A 11 2.12 7.29 -1.41
O5' 6IA A 11 1.43 5.59 -3.10
C5' 6IA A 11 0.68 5.25 -4.27
C4' 6IA A 11 0.97 3.81 -4.72
O4' 6IA A 11 2.31 3.47 -4.34
C3' 6IA A 11 0.06 2.77 -4.08
O3' 6IA A 11 -1.04 2.49 -4.97
C2' 6IA A 11 0.95 1.55 -3.99
O2' 6IA A 11 0.94 0.79 -5.19
C1' 6IA A 11 2.31 2.17 -3.73
N9 6IA A 11 2.63 2.37 -2.30
C8 6IA A 11 2.55 3.54 -1.57
N7 6IA A 11 2.82 3.39 -0.31
C5 6IA A 11 3.12 2.03 -0.20
C6 6IA A 11 3.50 1.25 0.90
N6 6IA A 11 3.58 1.70 2.17
N1 6IA A 11 3.73 -0.06 0.67
C2 6IA A 11 3.59 -0.53 -0.56
N3 6IA A 11 3.24 0.10 -1.67
C4 6IA A 11 3.01 1.41 -1.40
C12 6IA A 11 3.25 3.02 2.47
C13 6IA A 11 3.18 3.19 3.90
C14 6IA A 11 4.28 3.46 4.63
C15 6IA A 11 4.50 4.89 5.12
C16 6IA A 11 5.37 2.42 4.76
H5' 6IA A 11 0.95 5.93 -5.08
H5'' 6IA A 11 -0.38 5.36 -4.05
H4' 6IA A 11 0.88 3.74 -5.79
H3' 6IA A 11 -0.30 3.09 -3.10
H2' 6IA A 11 0.66 0.94 -3.13
HO2' 6IA A 11 1.76 0.29 -5.23
H1' 6IA A 11 3.09 1.55 -4.18
H8 6IA A 11 2.31 4.50 -2.02
HN6 6IA A 11 3.86 1.07 2.90
H2 6IA A 11 3.80 -1.59 -0.67
H121 6IA A 11 2.28 3.26 2.03
H122 6IA A 11 4.01 3.69 2.05
H132 6IA A 11 2.24 2.97 4.42
H151 6IA A 11 3.59 5.26 5.59
H152 6IA A 11 5.32 4.91 5.85
H153 6IA A 11 4.75 5.54 4.28
H161 6IA A 11 4.93 1.41 4.72
H162 6IA A 11 6.08 2.53 3.94
H163 6IA A 11 5.90 2.55 5.70
N1 PSU A 13 -2.99 -1.42 1.67
C2 PSU A 13 -2.65 -0.99 2.90
N3 PSU A 13 -2.19 -1.96 3.75
C4 PSU A 13 -2.06 -3.32 3.46
C5 PSU A 13 -2.45 -3.70 2.13
C6 PSU A 13 -2.90 -2.75 1.28
O2 PSU A 13 -2.73 0.21 3.23
O4 PSU A 13 -1.64 -4.07 4.34
C1' PSU A 13 -2.34 -5.17 1.75
C2' PSU A 13 -3.30 -6.09 2.50
O2' PSU A 13 -2.68 -7.35 2.82
C3' PSU A 13 -4.44 -6.28 1.51
C4' PSU A 13 -3.73 -6.20 0.18
O3' PSU A 13 -5.01 -7.58 1.67
O4' PSU A 13 -2.62 -5.31 0.35
C5' PSU A 13 -4.58 -5.70 -0.99
O5' PSU A 13 -4.32 -4.32 -1.26
P PSU A 13 -4.19 -3.77 -2.77
OP1 PSU A 13 -4.50 -4.89 -3.70
OP2 PSU A 13 -4.94 -2.51 -2.88
HN1 PSU A 13 -3.34 -0.74 1.00
HN3 PSU A 13 -1.92 -1.68 4.68
H6 PSU A 13 -3.15 -3.00 0.34
H1' PSU A 13 -1.33 -5.50 1.95
H2' PSU A 13 -3.68 -5.61 3.41
HO2' PSU A 13 -3.21 -7.77 3.50
H3' PSU A 13 -5.18 -5.49 1.62
H4' PSU A 13 -3.33 -7.19 -0.07
H5' PSU A 13 -4.36 -6.29 -1.89
H5'' PSU A 13 -5.64 -5.83 -0.75
#